data_1EF9
#
_entry.id   1EF9
#
_cell.length_a   85.7
_cell.length_b   142.4
_cell.length_c   89.7
_cell.angle_alpha   90.0
_cell.angle_beta   109.2
_cell.angle_gamma   90.0
#
_symmetry.space_group_name_H-M   'P 1 21 1'
#
loop_
_entity.id
_entity.type
_entity.pdbx_description
1 polymer 'METHYLMALONYL COA DECARBOXYLASE'
2 non-polymer '2-CARBOXYPROPYL-COENZYME A'
#
_entity_poly.entity_id   1
_entity_poly.type   'polypeptide(L)'
_entity_poly.pdbx_seq_one_letter_code
;MSYQYVNVVTINKVAVIEFNYGRKLNALSKVFIDDLMQALSDLNRPEIRCIILRAPSGSKVFSAGHDIHELPSGGRDPLS
YDDPLRQITRMIQKFPKPIISMVEGSVWGGAFEMIMSSDLIIAASTSTFSMTPVNLGVPYNLVGIHNLTRDAGFHIVKEL
IFTASPITAQRALAVGILNHVVEVEELEDFTLQMAHHISEKAPLAIAVIKEELRVLGEAHTMNSDEFERIQGMRRAVYDS
EDYQEGMNAFLEKRKPNFVGH
;
_entity_poly.pdbx_strand_id   A
#
loop_
_chem_comp.id
_chem_comp.type
_chem_comp.name
_chem_comp.formula
2CP non-polymer '2-CARBOXYPROPYL-COENZYME A' 'C25 H42 N7 O18 P3 S'
#
# COMPACT_ATOMS: atom_id res chain seq x y z
N MET A 1 19.77 3.74 12.35
CA MET A 1 19.56 4.47 13.59
C MET A 1 18.54 3.74 14.45
N SER A 2 17.67 4.55 15.08
CA SER A 2 16.58 4.12 15.94
C SER A 2 15.33 4.92 15.63
N TYR A 3 14.24 4.17 15.47
CA TYR A 3 12.98 4.78 15.16
C TYR A 3 11.92 4.26 16.12
N GLN A 4 10.88 5.06 16.39
CA GLN A 4 9.79 4.69 17.30
C GLN A 4 8.79 3.67 16.80
N TYR A 5 8.27 3.98 15.62
CA TYR A 5 7.27 3.18 14.96
C TYR A 5 7.83 2.05 14.10
N VAL A 6 9.07 2.21 13.69
CA VAL A 6 9.73 1.20 12.90
C VAL A 6 10.99 0.60 13.51
N ASN A 7 11.41 -0.53 12.88
CA ASN A 7 12.60 -1.31 13.24
C ASN A 7 13.45 -1.81 12.03
N VAL A 8 14.53 -1.08 11.67
CA VAL A 8 15.45 -1.41 10.55
C VAL A 8 16.55 -2.43 10.87
N VAL A 9 16.93 -3.22 9.88
CA VAL A 9 17.93 -4.20 10.16
C VAL A 9 18.73 -4.43 8.89
N THR A 10 20.03 -4.46 9.03
CA THR A 10 20.86 -4.69 7.87
C THR A 10 21.58 -6.04 7.88
N ILE A 11 21.51 -6.70 6.73
CA ILE A 11 22.14 -7.98 6.48
C ILE A 11 22.86 -7.84 5.17
N ASN A 12 24.13 -7.56 5.28
CA ASN A 12 24.85 -7.35 4.06
C ASN A 12 24.33 -6.06 3.48
N LYS A 13 23.89 -6.06 2.21
CA LYS A 13 23.42 -4.84 1.58
C LYS A 13 21.93 -4.79 1.42
N VAL A 14 21.31 -5.63 2.23
CA VAL A 14 19.87 -5.83 2.28
C VAL A 14 19.31 -5.20 3.54
N ALA A 15 18.50 -4.15 3.42
CA ALA A 15 17.92 -3.52 4.60
C ALA A 15 16.50 -4.05 4.81
N VAL A 16 16.11 -4.25 6.05
CA VAL A 16 14.77 -4.75 6.31
C VAL A 16 14.02 -3.93 7.30
N ILE A 17 13.02 -3.23 6.80
CA ILE A 17 12.19 -2.40 7.64
C ILE A 17 11.01 -3.16 8.25
N GLU A 18 10.89 -3.13 9.57
CA GLU A 18 9.80 -3.83 10.25
C GLU A 18 8.83 -2.95 10.99
N PHE A 19 7.59 -3.04 10.61
CA PHE A 19 6.64 -2.23 11.29
C PHE A 19 6.51 -2.54 12.76
N ASN A 20 6.60 -1.48 13.58
CA ASN A 20 6.44 -1.54 15.03
C ASN A 20 5.23 -0.75 15.60
N TYR A 21 4.01 -0.92 15.01
CA TYR A 21 2.75 -0.24 15.39
C TYR A 21 1.70 -1.24 15.78
N GLY A 22 2.15 -2.33 16.35
CA GLY A 22 1.24 -3.37 16.80
C GLY A 22 -0.01 -2.84 17.55
N ARG A 23 0.14 -1.86 18.44
CA ARG A 23 -1.03 -1.33 19.15
C ARG A 23 -2.18 -0.87 18.23
N LYS A 24 -1.87 -0.17 17.14
CA LYS A 24 -2.86 0.28 16.18
C LYS A 24 -2.91 -0.68 14.97
N LEU A 25 -2.50 -1.92 15.21
CA LEU A 25 -2.51 -2.91 14.16
C LEU A 25 -1.70 -2.54 12.87
N ASN A 26 -0.91 -1.48 12.92
CA ASN A 26 -0.10 -0.99 11.81
C ASN A 26 -0.96 -0.18 10.90
N ALA A 27 -1.85 0.56 11.50
CA ALA A 27 -2.71 1.41 10.73
C ALA A 27 -1.80 2.51 10.20
N LEU A 28 -2.18 3.14 9.11
CA LEU A 28 -1.42 4.16 8.44
C LEU A 28 -1.58 5.55 8.99
N SER A 29 -0.97 5.77 10.12
CA SER A 29 -1.08 7.09 10.68
C SER A 29 0.10 7.90 10.24
N LYS A 30 -0.10 9.19 10.24
CA LYS A 30 0.93 10.11 9.87
C LYS A 30 2.23 9.78 10.60
N VAL A 31 2.10 9.58 11.92
CA VAL A 31 3.22 9.28 12.79
C VAL A 31 4.02 8.12 12.34
N PHE A 32 3.27 7.07 12.02
CA PHE A 32 3.84 5.86 11.51
C PHE A 32 4.50 6.16 10.18
N ILE A 33 3.65 6.53 9.19
CA ILE A 33 4.05 6.87 7.83
C ILE A 33 5.31 7.72 7.83
N ASP A 34 5.34 8.66 8.75
CA ASP A 34 6.49 9.54 8.85
C ASP A 34 7.80 8.83 9.20
N ASP A 35 7.70 7.93 10.15
CA ASP A 35 8.83 7.15 10.57
C ASP A 35 9.27 6.25 9.42
N LEU A 36 8.30 5.69 8.71
CA LEU A 36 8.59 4.80 7.58
C LEU A 36 9.35 5.50 6.50
N MET A 37 9.11 6.79 6.42
CA MET A 37 9.71 7.65 5.43
C MET A 37 11.10 8.08 5.86
N GLN A 38 11.29 8.13 7.15
CA GLN A 38 12.57 8.53 7.70
C GLN A 38 13.51 7.37 7.62
N ALA A 39 12.95 6.21 7.78
CA ALA A 39 13.78 5.04 7.74
C ALA A 39 14.21 4.70 6.32
N LEU A 40 13.36 5.02 5.37
CA LEU A 40 13.71 4.76 4.01
C LEU A 40 14.76 5.78 3.68
N SER A 41 14.39 7.05 3.84
CA SER A 41 15.32 8.17 3.58
C SER A 41 16.73 7.91 4.10
N ASP A 42 16.71 7.38 5.27
CA ASP A 42 17.95 7.10 5.85
C ASP A 42 18.70 6.05 5.02
N LEU A 43 18.01 4.94 4.72
CA LEU A 43 18.56 3.81 3.97
C LEU A 43 18.92 4.09 2.49
N ASN A 44 18.92 5.32 2.10
CA ASN A 44 19.24 5.63 0.74
C ASN A 44 20.71 5.82 0.62
N ARG A 45 21.41 4.71 0.62
CA ARG A 45 22.84 4.79 0.50
C ARG A 45 23.42 3.63 -0.22
N PRO A 46 24.44 4.04 -0.93
CA PRO A 46 25.24 3.20 -1.76
C PRO A 46 25.38 1.78 -1.27
N GLU A 47 25.58 1.59 0.02
CA GLU A 47 25.74 0.26 0.60
C GLU A 47 24.48 -0.57 0.60
N ILE A 48 23.37 0.14 0.52
CA ILE A 48 22.11 -0.51 0.53
C ILE A 48 21.65 -0.74 -0.86
N ARG A 49 21.35 -2.00 -1.15
CA ARG A 49 20.91 -2.40 -2.48
C ARG A 49 19.40 -2.61 -2.58
N CYS A 50 18.95 -3.57 -1.83
CA CYS A 50 17.57 -3.94 -1.79
C CYS A 50 16.90 -3.72 -0.42
N ILE A 51 15.66 -3.25 -0.45
CA ILE A 51 14.89 -3.02 0.76
C ILE A 51 13.78 -4.07 0.94
N ILE A 52 13.24 -4.13 2.14
CA ILE A 52 12.20 -5.08 2.39
C ILE A 52 11.26 -4.59 3.45
N LEU A 53 9.96 -4.54 3.16
CA LEU A 53 8.93 -4.11 4.07
C LEU A 53 8.30 -5.33 4.66
N ARG A 54 8.12 -5.28 5.99
CA ARG A 54 7.57 -6.43 6.69
C ARG A 54 6.93 -6.09 8.03
N ALA A 55 6.08 -7.00 8.45
CA ALA A 55 5.39 -6.94 9.69
C ALA A 55 5.97 -8.07 10.51
N PRO A 56 6.06 -7.82 11.78
CA PRO A 56 6.61 -8.75 12.70
C PRO A 56 6.04 -10.10 12.55
N SER A 57 6.96 -11.06 12.58
CA SER A 57 6.63 -12.45 12.46
C SER A 57 5.48 -12.83 13.37
N GLY A 58 4.59 -13.63 12.87
CA GLY A 58 3.48 -14.07 13.65
C GLY A 58 2.27 -13.21 13.43
N SER A 59 2.53 -11.97 12.97
CA SER A 59 1.46 -11.00 12.71
C SER A 59 0.14 -11.57 12.17
N LYS A 60 -0.94 -11.14 12.79
CA LYS A 60 -2.25 -11.60 12.38
C LYS A 60 -2.77 -10.67 11.32
N VAL A 61 -2.25 -9.46 11.35
CA VAL A 61 -2.65 -8.45 10.42
C VAL A 61 -1.47 -7.63 9.95
N PHE A 62 -1.24 -7.60 8.67
CA PHE A 62 -0.16 -6.81 8.15
C PHE A 62 -0.45 -5.33 8.43
N SER A 63 -1.57 -4.86 7.90
CA SER A 63 -1.89 -3.49 8.16
C SER A 63 -3.37 -3.33 7.98
N ALA A 64 -4.00 -2.58 8.90
CA ALA A 64 -5.45 -2.36 8.84
C ALA A 64 -5.86 -1.17 8.00
N GLY A 65 -4.85 -0.50 7.50
CA GLY A 65 -5.11 0.61 6.63
C GLY A 65 -5.01 1.93 7.27
N HIS A 66 -5.70 2.86 6.64
CA HIS A 66 -5.73 4.21 7.10
C HIS A 66 -6.41 4.27 8.45
N ASP A 67 -6.00 5.24 9.25
CA ASP A 67 -6.58 5.41 10.55
C ASP A 67 -7.80 6.29 10.38
N ILE A 68 -8.95 5.67 10.51
CA ILE A 68 -10.20 6.39 10.32
C ILE A 68 -10.28 7.73 10.98
N HIS A 69 -10.00 7.70 12.28
CA HIS A 69 -10.02 8.90 13.08
C HIS A 69 -9.22 10.02 12.35
N GLU A 70 -8.13 9.62 11.67
CA GLU A 70 -7.30 10.56 10.92
C GLU A 70 -7.95 11.03 9.63
N LEU A 71 -9.03 10.35 9.27
CA LEU A 71 -9.75 10.72 8.08
C LEU A 71 -10.39 12.06 8.32
N PRO A 72 -10.60 12.75 7.22
CA PRO A 72 -11.20 14.08 7.22
C PRO A 72 -12.63 14.07 7.74
N SER A 73 -13.02 15.23 8.23
CA SER A 73 -14.33 15.46 8.79
C SER A 73 -15.35 15.80 7.71
N GLY A 74 -14.85 16.34 6.61
CA GLY A 74 -15.68 16.75 5.51
C GLY A 74 -15.56 18.27 5.31
N GLY A 75 -14.29 18.75 5.30
CA GLY A 75 -13.84 20.15 5.12
C GLY A 75 -12.96 20.31 3.86
N ARG A 76 -12.15 19.27 3.61
CA ARG A 76 -11.27 19.22 2.46
C ARG A 76 -11.32 17.81 1.86
N ASP A 77 -10.31 17.55 1.09
CA ASP A 77 -10.03 16.34 0.41
C ASP A 77 -9.08 15.50 1.32
N PRO A 78 -9.61 14.32 1.75
CA PRO A 78 -8.95 13.32 2.61
C PRO A 78 -7.70 12.79 1.99
N LEU A 79 -7.87 12.43 0.70
CA LEU A 79 -6.89 11.86 -0.23
C LEU A 79 -6.09 12.97 -0.96
N SER A 80 -5.85 14.09 -0.21
CA SER A 80 -5.10 15.24 -0.70
C SER A 80 -3.74 14.82 -1.30
N TYR A 81 -2.94 15.81 -1.67
CA TYR A 81 -1.63 15.55 -2.25
C TYR A 81 -0.61 15.18 -1.17
N ASP A 82 -0.67 15.99 -0.11
CA ASP A 82 0.21 15.84 1.02
C ASP A 82 -0.35 14.90 2.13
N ASP A 83 -1.23 13.96 1.74
CA ASP A 83 -1.82 12.97 2.63
C ASP A 83 -0.83 11.82 2.72
N PRO A 84 -0.55 11.38 3.95
CA PRO A 84 0.37 10.29 4.24
C PRO A 84 0.52 9.23 3.15
N LEU A 85 -0.59 8.60 2.73
CA LEU A 85 -0.53 7.55 1.70
C LEU A 85 0.07 8.08 0.41
N ARG A 86 -0.37 9.25 -0.03
CA ARG A 86 0.21 9.72 -1.26
C ARG A 86 1.73 9.77 -1.21
N GLN A 87 2.25 10.35 -0.14
CA GLN A 87 3.69 10.50 0.04
C GLN A 87 4.49 9.22 0.05
N ILE A 88 4.11 8.29 0.89
CA ILE A 88 4.89 7.08 0.90
C ILE A 88 4.89 6.33 -0.39
N THR A 89 3.77 6.37 -1.09
CA THR A 89 3.67 5.66 -2.34
C THR A 89 4.55 6.32 -3.39
N ARG A 90 4.42 7.62 -3.52
CA ARG A 90 5.22 8.36 -4.47
C ARG A 90 6.64 8.04 -4.12
N MET A 91 6.91 8.07 -2.83
CA MET A 91 8.23 7.80 -2.34
C MET A 91 8.77 6.43 -2.72
N ILE A 92 8.02 5.43 -2.38
CA ILE A 92 8.39 4.09 -2.67
C ILE A 92 8.74 3.88 -4.16
N GLN A 93 7.91 4.50 -4.97
CA GLN A 93 8.02 4.46 -6.43
C GLN A 93 9.29 5.06 -7.01
N LYS A 94 9.57 6.30 -6.63
CA LYS A 94 10.75 7.07 -7.02
C LYS A 94 12.00 6.59 -6.24
N PHE A 95 11.86 5.60 -5.38
CA PHE A 95 12.99 5.10 -4.62
C PHE A 95 13.89 4.30 -5.54
N PRO A 96 15.12 4.74 -5.65
CA PRO A 96 16.16 4.15 -6.48
C PRO A 96 16.60 2.75 -6.20
N LYS A 97 15.92 2.04 -5.32
CA LYS A 97 16.30 0.67 -4.99
C LYS A 97 15.07 -0.19 -5.07
N PRO A 98 15.25 -1.46 -5.09
CA PRO A 98 14.08 -2.30 -5.16
C PRO A 98 13.47 -2.44 -3.81
N ILE A 99 12.15 -2.45 -3.79
CA ILE A 99 11.43 -2.59 -2.54
C ILE A 99 10.47 -3.78 -2.55
N ILE A 100 10.86 -4.82 -1.84
CA ILE A 100 10.04 -6.01 -1.76
C ILE A 100 9.09 -5.99 -0.60
N SER A 101 7.94 -6.59 -0.78
CA SER A 101 6.99 -6.66 0.31
C SER A 101 6.79 -8.09 0.69
N MET A 102 7.21 -8.40 1.89
CA MET A 102 7.04 -9.73 2.42
C MET A 102 5.75 -9.63 3.25
N VAL A 103 4.71 -10.26 2.77
CA VAL A 103 3.47 -10.15 3.49
C VAL A 103 3.06 -11.30 4.34
N GLU A 104 2.67 -10.95 5.56
CA GLU A 104 2.19 -11.87 6.57
C GLU A 104 0.95 -11.26 7.17
N GLY A 105 -0.10 -12.09 7.31
CA GLY A 105 -1.36 -11.64 7.80
C GLY A 105 -2.16 -10.92 6.68
N SER A 106 -3.20 -10.19 7.12
CA SER A 106 -4.10 -9.44 6.27
C SER A 106 -3.72 -8.02 5.94
N VAL A 107 -4.08 -7.62 4.72
CA VAL A 107 -3.83 -6.30 4.19
C VAL A 107 -5.16 -5.59 3.90
N TRP A 108 -5.29 -4.34 4.28
CA TRP A 108 -6.53 -3.65 4.08
C TRP A 108 -6.45 -2.28 3.50
N GLY A 109 -7.21 -2.10 2.45
CA GLY A 109 -7.28 -0.83 1.81
C GLY A 109 -5.95 -0.25 1.45
N GLY A 110 -5.71 0.95 1.99
CA GLY A 110 -4.49 1.71 1.75
C GLY A 110 -3.22 0.86 1.79
N ALA A 111 -3.20 -0.23 2.59
CA ALA A 111 -2.05 -1.13 2.69
C ALA A 111 -1.84 -1.79 1.36
N PHE A 112 -2.94 -2.33 0.87
CA PHE A 112 -2.94 -3.00 -0.41
C PHE A 112 -2.37 -2.08 -1.49
N GLU A 113 -2.92 -0.88 -1.62
CA GLU A 113 -2.38 0.03 -2.59
C GLU A 113 -0.89 0.32 -2.31
N MET A 114 -0.47 0.30 -1.05
CA MET A 114 0.91 0.61 -0.70
C MET A 114 1.83 -0.49 -1.10
N ILE A 115 1.42 -1.68 -0.79
CA ILE A 115 2.28 -2.75 -1.18
C ILE A 115 2.13 -3.00 -2.66
N MET A 116 1.03 -2.51 -3.19
CA MET A 116 0.82 -2.69 -4.59
C MET A 116 1.86 -1.86 -5.29
N SER A 117 2.17 -0.71 -4.68
CA SER A 117 3.10 0.29 -5.19
C SER A 117 4.57 -0.06 -5.12
N SER A 118 4.83 -1.20 -4.56
CA SER A 118 6.17 -1.63 -4.44
C SER A 118 6.54 -2.52 -5.63
N ASP A 119 7.80 -2.90 -5.71
CA ASP A 119 8.29 -3.70 -6.80
C ASP A 119 8.03 -5.17 -6.75
N LEU A 120 8.08 -5.72 -5.58
CA LEU A 120 7.83 -7.14 -5.58
C LEU A 120 6.97 -7.41 -4.41
N ILE A 121 6.38 -8.58 -4.39
CA ILE A 121 5.49 -8.97 -3.35
C ILE A 121 5.48 -10.46 -3.16
N ILE A 122 6.08 -10.87 -2.06
CA ILE A 122 6.16 -12.25 -1.67
C ILE A 122 5.20 -12.40 -0.52
N ALA A 123 4.48 -13.53 -0.44
CA ALA A 123 3.54 -13.68 0.62
C ALA A 123 3.32 -15.07 1.14
N ALA A 124 2.86 -15.09 2.40
CA ALA A 124 2.54 -16.30 3.08
C ALA A 124 1.24 -16.82 2.56
N SER A 125 1.26 -18.11 2.42
CA SER A 125 0.13 -18.84 1.90
C SER A 125 -1.19 -18.49 2.54
N THR A 126 -1.07 -17.86 3.69
CA THR A 126 -2.23 -17.48 4.46
C THR A 126 -2.72 -16.06 4.41
N SER A 127 -1.88 -15.13 4.00
CA SER A 127 -2.35 -13.76 3.98
C SER A 127 -3.59 -13.69 3.10
N THR A 128 -4.31 -12.56 3.24
CA THR A 128 -5.49 -12.28 2.44
C THR A 128 -5.47 -10.85 2.11
N PHE A 129 -6.16 -10.51 1.02
CA PHE A 129 -6.08 -9.09 0.68
C PHE A 129 -7.38 -8.54 0.26
N SER A 130 -7.58 -7.29 0.64
CA SER A 130 -8.81 -6.65 0.26
C SER A 130 -8.81 -5.14 0.23
N MET A 131 -9.36 -4.61 -0.88
CA MET A 131 -9.51 -3.21 -1.21
C MET A 131 -10.87 -2.84 -0.65
N THR A 132 -10.97 -1.84 0.22
CA THR A 132 -12.27 -1.57 0.82
C THR A 132 -12.89 -0.18 0.84
N PRO A 133 -12.55 0.72 -0.05
CA PRO A 133 -13.16 2.05 -0.03
C PRO A 133 -14.72 2.05 0.04
N VAL A 134 -15.32 1.05 -0.56
CA VAL A 134 -16.75 0.94 -0.61
C VAL A 134 -17.43 0.64 0.71
N ASN A 135 -16.77 -0.08 1.59
CA ASN A 135 -17.36 -0.38 2.87
C ASN A 135 -17.58 0.82 3.73
N LEU A 136 -16.95 1.93 3.41
CA LEU A 136 -17.12 3.11 4.22
C LEU A 136 -17.67 4.24 3.40
N GLY A 137 -17.81 4.00 2.12
CA GLY A 137 -18.30 5.04 1.24
C GLY A 137 -17.21 6.02 0.85
N VAL A 138 -16.00 5.53 0.60
CA VAL A 138 -14.96 6.49 0.23
C VAL A 138 -14.65 6.64 -1.26
N PRO A 139 -14.64 7.87 -1.73
CA PRO A 139 -14.31 8.14 -3.12
C PRO A 139 -12.79 8.30 -3.26
N TYR A 140 -12.08 7.18 -3.38
CA TYR A 140 -10.62 7.19 -3.53
C TYR A 140 -10.11 8.27 -4.46
N ASN A 141 -8.84 8.19 -4.76
CA ASN A 141 -8.39 9.21 -5.65
C ASN A 141 -8.01 8.55 -6.94
N LEU A 142 -7.74 9.35 -7.94
CA LEU A 142 -7.38 8.80 -9.22
C LEU A 142 -6.07 8.03 -9.19
N VAL A 143 -5.05 8.69 -8.65
CA VAL A 143 -3.75 8.08 -8.59
C VAL A 143 -3.79 6.82 -7.81
N GLY A 144 -4.45 6.86 -6.66
CA GLY A 144 -4.54 5.66 -5.85
C GLY A 144 -5.17 4.52 -6.64
N ILE A 145 -6.19 4.88 -7.35
CA ILE A 145 -6.87 3.88 -8.12
C ILE A 145 -5.91 3.31 -9.20
N HIS A 146 -5.28 4.20 -9.94
CA HIS A 146 -4.35 3.85 -10.99
C HIS A 146 -3.34 2.81 -10.55
N ASN A 147 -2.64 3.08 -9.47
CA ASN A 147 -1.67 2.14 -8.98
C ASN A 147 -2.21 0.72 -8.80
N LEU A 148 -3.48 0.49 -9.01
CA LEU A 148 -3.94 -0.86 -8.79
C LEU A 148 -4.24 -1.54 -10.09
N THR A 149 -4.11 -0.75 -11.15
CA THR A 149 -4.39 -1.18 -12.51
C THR A 149 -3.17 -1.55 -13.31
N ARG A 150 -2.09 -1.90 -12.63
CA ARG A 150 -0.91 -2.26 -13.36
C ARG A 150 -0.49 -3.72 -13.26
N ASP A 151 -1.35 -4.55 -12.73
CA ASP A 151 -0.92 -5.91 -12.63
C ASP A 151 -1.99 -6.86 -13.09
N ALA A 152 -3.18 -6.64 -12.49
CA ALA A 152 -4.38 -7.41 -12.75
C ALA A 152 -5.32 -6.74 -13.76
N GLY A 153 -6.19 -7.56 -14.31
CA GLY A 153 -7.15 -7.05 -15.28
C GLY A 153 -8.16 -6.09 -14.65
N PHE A 154 -8.79 -5.33 -15.51
CA PHE A 154 -9.79 -4.41 -15.05
C PHE A 154 -10.97 -5.07 -14.38
N HIS A 155 -11.48 -6.11 -14.99
CA HIS A 155 -12.60 -6.81 -14.41
C HIS A 155 -12.30 -7.27 -13.01
N ILE A 156 -11.07 -7.76 -12.83
CA ILE A 156 -10.61 -8.25 -11.54
C ILE A 156 -10.55 -7.13 -10.50
N VAL A 157 -9.85 -6.08 -10.81
CA VAL A 157 -9.77 -4.97 -9.91
C VAL A 157 -11.15 -4.45 -9.59
N LYS A 158 -12.01 -4.50 -10.60
CA LYS A 158 -13.34 -4.02 -10.39
C LYS A 158 -14.01 -4.89 -9.36
N GLU A 159 -13.78 -6.18 -9.47
CA GLU A 159 -14.39 -7.10 -8.54
C GLU A 159 -13.85 -6.91 -7.15
N LEU A 160 -12.58 -6.56 -7.11
CA LEU A 160 -11.93 -6.35 -5.85
C LEU A 160 -12.54 -5.18 -5.12
N ILE A 161 -12.49 -4.07 -5.81
CA ILE A 161 -12.99 -2.86 -5.27
C ILE A 161 -14.45 -2.86 -4.93
N PHE A 162 -15.23 -3.27 -5.91
CA PHE A 162 -16.67 -3.36 -5.86
C PHE A 162 -17.19 -4.15 -4.65
N THR A 163 -16.87 -5.44 -4.59
CA THR A 163 -17.33 -6.24 -3.47
C THR A 163 -16.60 -5.97 -2.17
N ALA A 164 -15.37 -5.44 -2.26
CA ALA A 164 -14.51 -5.15 -1.12
C ALA A 164 -14.25 -6.38 -0.27
N SER A 165 -14.43 -7.57 -0.87
CA SER A 165 -14.22 -8.85 -0.22
C SER A 165 -12.73 -9.15 -0.25
N PRO A 166 -12.30 -10.07 0.59
CA PRO A 166 -10.92 -10.41 0.65
C PRO A 166 -10.60 -11.65 -0.16
N ILE A 167 -9.46 -11.55 -0.85
CA ILE A 167 -8.99 -12.66 -1.62
C ILE A 167 -7.79 -13.26 -0.92
N THR A 168 -7.58 -14.52 -1.26
CA THR A 168 -6.50 -15.28 -0.71
C THR A 168 -5.29 -15.01 -1.53
N ALA A 169 -4.19 -15.48 -1.01
CA ALA A 169 -2.96 -15.30 -1.71
C ALA A 169 -3.02 -16.05 -3.04
N GLN A 170 -3.28 -17.36 -2.93
CA GLN A 170 -3.37 -18.24 -4.09
C GLN A 170 -4.11 -17.64 -5.30
N ARG A 171 -5.12 -16.88 -4.97
CA ARG A 171 -5.91 -16.25 -5.98
C ARG A 171 -5.16 -15.04 -6.46
N ALA A 172 -4.76 -14.22 -5.50
CA ALA A 172 -4.02 -13.00 -5.80
C ALA A 172 -2.76 -13.30 -6.62
N LEU A 173 -2.35 -14.53 -6.56
CA LEU A 173 -1.19 -14.90 -7.29
C LEU A 173 -1.64 -15.16 -8.70
N ALA A 174 -2.51 -16.13 -8.82
CA ALA A 174 -3.06 -16.52 -10.08
C ALA A 174 -3.51 -15.36 -11.00
N VAL A 175 -3.93 -14.25 -10.40
CA VAL A 175 -4.37 -13.09 -11.13
C VAL A 175 -3.27 -12.11 -11.44
N GLY A 176 -2.07 -12.50 -11.06
CA GLY A 176 -0.90 -11.67 -11.31
C GLY A 176 -0.65 -10.47 -10.42
N ILE A 177 -0.94 -10.64 -9.15
CA ILE A 177 -0.71 -9.57 -8.19
C ILE A 177 0.61 -9.76 -7.47
N LEU A 178 0.81 -10.95 -6.93
CA LEU A 178 2.01 -11.20 -6.20
C LEU A 178 3.04 -11.97 -7.01
N ASN A 179 4.30 -11.84 -6.60
CA ASN A 179 5.32 -12.58 -7.30
C ASN A 179 5.36 -13.97 -6.85
N HIS A 180 5.40 -14.15 -5.55
CA HIS A 180 5.45 -15.49 -5.00
C HIS A 180 4.58 -15.68 -3.79
N VAL A 181 4.37 -16.93 -3.44
CA VAL A 181 3.54 -17.32 -2.32
C VAL A 181 4.17 -18.54 -1.69
N VAL A 182 4.63 -18.34 -0.45
CA VAL A 182 5.27 -19.38 0.33
C VAL A 182 4.60 -19.65 1.66
N GLU A 183 5.08 -20.74 2.22
CA GLU A 183 4.67 -21.25 3.48
C GLU A 183 5.32 -20.36 4.50
N VAL A 184 4.59 -20.04 5.56
CA VAL A 184 5.11 -19.15 6.57
C VAL A 184 6.52 -19.40 7.02
N GLU A 185 6.74 -20.65 7.37
CA GLU A 185 8.03 -21.07 7.85
C GLU A 185 9.14 -20.68 6.89
N GLU A 186 8.83 -20.72 5.57
CA GLU A 186 9.81 -20.36 4.56
C GLU A 186 9.80 -18.93 4.07
N LEU A 187 8.80 -18.18 4.47
CA LEU A 187 8.72 -16.82 4.00
C LEU A 187 9.97 -15.89 4.08
N GLU A 188 10.61 -15.82 5.23
CA GLU A 188 11.77 -14.95 5.46
C GLU A 188 13.01 -15.29 4.63
N ASP A 189 13.33 -16.55 4.69
CA ASP A 189 14.45 -17.06 3.97
C ASP A 189 14.31 -16.72 2.53
N PHE A 190 13.28 -17.32 1.94
CA PHE A 190 12.96 -17.10 0.56
C PHE A 190 13.13 -15.65 0.17
N THR A 191 12.46 -14.77 0.89
CA THR A 191 12.52 -13.37 0.58
C THR A 191 13.90 -12.84 0.66
N LEU A 192 14.64 -13.33 1.63
CA LEU A 192 16.00 -12.86 1.81
C LEU A 192 16.91 -13.20 0.67
N GLN A 193 16.97 -14.48 0.41
CA GLN A 193 17.76 -15.02 -0.67
C GLN A 193 17.53 -14.19 -1.92
N MET A 194 16.26 -13.96 -2.24
CA MET A 194 15.94 -13.19 -3.41
C MET A 194 16.52 -11.80 -3.34
N ALA A 195 16.39 -11.17 -2.19
CA ALA A 195 16.94 -9.84 -2.05
C ALA A 195 18.47 -9.84 -2.16
N HIS A 196 19.09 -10.87 -1.60
CA HIS A 196 20.53 -10.94 -1.71
C HIS A 196 20.90 -11.06 -3.20
N HIS A 197 20.31 -12.02 -3.91
CA HIS A 197 20.57 -12.19 -5.31
C HIS A 197 20.38 -10.91 -6.09
N ILE A 198 19.27 -10.29 -5.90
CA ILE A 198 19.07 -9.08 -6.64
C ILE A 198 20.10 -8.03 -6.33
N SER A 199 20.73 -8.23 -5.21
CA SER A 199 21.71 -7.25 -4.80
C SER A 199 23.10 -7.57 -5.25
N GLU A 200 23.17 -8.56 -6.08
CA GLU A 200 24.43 -8.96 -6.60
C GLU A 200 24.67 -8.15 -7.86
N LYS A 201 23.54 -7.70 -8.43
CA LYS A 201 23.38 -6.95 -9.66
C LYS A 201 23.68 -5.47 -9.64
N ALA A 202 23.90 -4.95 -10.86
CA ALA A 202 24.24 -3.57 -11.16
C ALA A 202 23.24 -2.52 -10.74
N PRO A 203 23.37 -2.13 -9.50
CA PRO A 203 22.53 -1.13 -8.88
C PRO A 203 22.17 0.04 -9.80
N LEU A 204 23.13 0.47 -10.59
CA LEU A 204 22.85 1.58 -11.46
C LEU A 204 21.92 1.21 -12.59
N ALA A 205 21.95 -0.03 -13.01
CA ALA A 205 21.08 -0.45 -14.07
C ALA A 205 19.67 -0.41 -13.51
N ILE A 206 19.50 -1.16 -12.44
CA ILE A 206 18.23 -1.25 -11.76
C ILE A 206 17.54 0.08 -11.45
N ALA A 207 18.29 1.02 -11.03
CA ALA A 207 17.70 2.26 -10.72
C ALA A 207 17.04 2.94 -11.88
N VAL A 208 17.65 2.76 -13.05
CA VAL A 208 17.18 3.41 -14.26
C VAL A 208 16.00 2.73 -14.89
N ILE A 209 16.04 1.44 -14.85
CA ILE A 209 14.92 0.73 -15.38
C ILE A 209 13.69 1.02 -14.55
N LYS A 210 13.82 0.86 -13.22
CA LYS A 210 12.72 1.10 -12.27
C LYS A 210 12.16 2.48 -12.49
N GLU A 211 12.99 3.34 -13.07
CA GLU A 211 12.57 4.68 -13.30
C GLU A 211 11.89 4.81 -14.63
N GLU A 212 12.30 3.95 -15.52
CA GLU A 212 11.70 3.94 -16.82
C GLU A 212 10.35 3.32 -16.61
N LEU A 213 10.32 2.17 -15.96
CA LEU A 213 9.06 1.51 -15.71
C LEU A 213 8.07 2.46 -15.03
N ARG A 214 8.56 3.27 -14.13
CA ARG A 214 7.68 4.17 -13.43
C ARG A 214 7.13 5.24 -14.34
N VAL A 215 8.03 5.70 -15.18
CA VAL A 215 7.72 6.76 -16.12
C VAL A 215 6.70 6.34 -17.16
N LEU A 216 6.63 5.05 -17.34
CA LEU A 216 5.73 4.41 -18.27
C LEU A 216 4.34 4.20 -17.68
N GLY A 217 4.29 3.61 -16.48
CA GLY A 217 3.02 3.32 -15.83
C GLY A 217 2.22 4.53 -15.45
N GLU A 218 2.79 5.70 -15.71
CA GLU A 218 2.18 6.97 -15.41
C GLU A 218 1.80 7.69 -16.67
N ALA A 219 2.15 7.07 -17.77
CA ALA A 219 1.92 7.60 -19.09
C ALA A 219 0.46 7.72 -19.50
N HIS A 220 -0.40 7.67 -18.51
CA HIS A 220 -1.86 7.79 -18.68
C HIS A 220 -2.30 9.25 -18.35
N THR A 221 -2.65 10.07 -19.38
CA THR A 221 -3.09 11.48 -19.23
C THR A 221 -4.49 11.86 -19.74
N MET A 222 -4.92 13.04 -19.26
CA MET A 222 -6.22 13.65 -19.56
C MET A 222 -6.30 15.15 -19.21
N ASN A 223 -7.11 15.86 -20.01
CA ASN A 223 -7.38 17.31 -19.95
C ASN A 223 -7.87 17.93 -18.65
N SER A 224 -7.67 19.25 -18.57
CA SER A 224 -8.01 20.10 -17.43
C SER A 224 -9.38 19.86 -16.90
N ASP A 225 -10.27 19.94 -17.86
CA ASP A 225 -11.68 19.76 -17.70
C ASP A 225 -11.98 18.44 -17.02
N GLU A 226 -11.57 17.37 -17.67
CA GLU A 226 -11.77 16.03 -17.16
C GLU A 226 -11.35 15.85 -15.73
N PHE A 227 -10.26 16.52 -15.33
CA PHE A 227 -9.83 16.35 -13.94
C PHE A 227 -10.80 17.00 -13.01
N GLU A 228 -11.10 18.27 -13.27
CA GLU A 228 -12.02 18.94 -12.39
C GLU A 228 -13.34 18.27 -12.30
N ARG A 229 -13.73 17.69 -13.41
CA ARG A 229 -14.98 16.99 -13.45
C ARG A 229 -15.00 15.90 -12.39
N ILE A 230 -13.99 15.00 -12.38
CA ILE A 230 -13.90 13.89 -11.42
C ILE A 230 -13.64 14.38 -10.00
N GLN A 231 -13.04 15.51 -9.98
CA GLN A 231 -12.72 16.05 -8.72
C GLN A 231 -13.98 16.52 -8.07
N GLY A 232 -14.82 17.12 -8.91
CA GLY A 232 -16.13 17.58 -8.49
C GLY A 232 -16.88 16.43 -7.87
N MET A 233 -17.08 15.36 -8.64
CA MET A 233 -17.76 14.16 -8.13
C MET A 233 -17.08 13.70 -6.84
N ARG A 234 -15.76 13.87 -6.77
CA ARG A 234 -15.08 13.44 -5.58
C ARG A 234 -15.56 14.21 -4.40
N ARG A 235 -15.59 15.55 -4.58
CA ARG A 235 -16.03 16.49 -3.55
C ARG A 235 -17.43 16.11 -3.13
N ALA A 236 -18.28 15.96 -4.13
CA ALA A 236 -19.64 15.57 -3.86
C ALA A 236 -19.81 14.27 -3.06
N VAL A 237 -18.86 13.35 -3.11
CA VAL A 237 -19.05 12.12 -2.34
C VAL A 237 -18.68 12.38 -0.90
N TYR A 238 -17.84 13.40 -0.72
CA TYR A 238 -17.40 13.74 0.60
C TYR A 238 -18.57 14.34 1.34
N ASP A 239 -19.06 15.45 0.80
CA ASP A 239 -20.19 16.15 1.39
C ASP A 239 -21.45 15.28 1.50
N SER A 240 -21.33 14.05 1.04
CA SER A 240 -22.43 13.10 1.07
C SER A 240 -22.87 12.73 2.47
N GLU A 241 -24.08 12.20 2.53
CA GLU A 241 -24.68 11.72 3.76
C GLU A 241 -24.28 10.28 3.94
N ASP A 242 -24.25 9.54 2.83
CA ASP A 242 -23.86 8.15 2.89
C ASP A 242 -22.49 8.07 3.50
N TYR A 243 -21.69 9.12 3.19
CA TYR A 243 -20.32 9.24 3.65
C TYR A 243 -20.27 9.07 5.13
N GLN A 244 -20.73 10.14 5.78
CA GLN A 244 -20.81 10.24 7.22
C GLN A 244 -21.31 8.94 7.80
N GLU A 245 -22.43 8.48 7.32
CA GLU A 245 -22.96 7.22 7.79
C GLU A 245 -21.95 6.07 7.68
N GLY A 246 -21.00 6.26 6.78
CA GLY A 246 -19.98 5.25 6.55
C GLY A 246 -18.99 5.13 7.70
N MET A 247 -18.45 6.29 8.10
CA MET A 247 -17.50 6.33 9.20
C MET A 247 -18.22 5.76 10.41
N ASN A 248 -19.28 6.48 10.84
CA ASN A 248 -20.15 6.18 11.98
C ASN A 248 -20.33 4.72 12.26
N ALA A 249 -20.96 4.06 11.29
CA ALA A 249 -21.23 2.64 11.34
C ALA A 249 -20.04 1.93 11.94
N PHE A 250 -18.87 2.21 11.35
CA PHE A 250 -17.61 1.64 11.79
C PHE A 250 -17.28 2.02 13.23
N LEU A 251 -17.14 3.34 13.47
CA LEU A 251 -16.83 3.89 14.78
C LEU A 251 -17.79 3.25 15.77
N GLU A 252 -19.04 3.13 15.35
CA GLU A 252 -20.08 2.54 16.18
C GLU A 252 -20.08 1.06 15.96
N LYS A 253 -19.13 0.62 15.14
CA LYS A 253 -19.00 -0.77 14.82
C LYS A 253 -20.36 -1.43 14.71
N ARG A 254 -21.08 -0.96 13.69
CA ARG A 254 -22.43 -1.39 13.30
C ARG A 254 -22.46 -1.45 11.78
N LYS A 255 -23.31 -2.33 11.24
CA LYS A 255 -23.47 -2.48 9.80
C LYS A 255 -24.24 -1.25 9.25
N PRO A 256 -23.61 -0.54 8.29
CA PRO A 256 -24.11 0.68 7.67
C PRO A 256 -25.33 0.54 6.77
N ASN A 257 -25.93 1.69 6.49
CA ASN A 257 -27.10 1.75 5.63
C ASN A 257 -26.94 2.90 4.65
N PHE A 258 -26.58 2.53 3.41
CA PHE A 258 -26.38 3.51 2.37
C PHE A 258 -27.67 3.80 1.71
N VAL A 259 -27.90 5.09 1.49
CA VAL A 259 -29.10 5.60 0.89
C VAL A 259 -29.02 5.96 -0.57
N GLY A 260 -27.92 6.57 -1.01
CA GLY A 260 -27.81 6.94 -2.42
C GLY A 260 -27.59 8.42 -2.49
N HIS A 261 -27.33 8.91 -1.29
CA HIS A 261 -27.07 10.30 -1.11
C HIS A 261 -26.46 10.52 0.27
C8 2CP B . -9.38 -1.52 13.08
N9 2CP B . -9.42 -0.58 14.08
C4 2CP B . -9.18 0.66 13.44
C5 2CP B . -8.97 0.38 12.11
N7 2CP B . -9.11 -0.99 11.90
N3 2CP B . -9.11 1.93 13.98
C2 2CP B . -8.81 2.85 13.08
N1 2CP B . -8.61 2.72 11.78
C6 2CP B . -8.67 1.50 11.24
N6 2CP B . -8.44 1.38 9.94
C1' 2CP B . -9.53 -0.82 15.35
C2' 2CP B . -10.91 -1.12 15.92
O2' 2CP B . -11.68 0.12 15.92
C3' 2CP B . -10.56 -1.49 17.35
O3' 2CP B . -10.42 -0.51 18.37
C4' 2CP B . -9.44 -2.54 17.01
O4' 2CP B . -8.83 -2.01 15.76
C5' 2CP B . -9.80 -3.95 16.90
O5' 2CP B . -10.62 -4.12 15.81
P1 2CP B . -11.22 -5.50 15.70
O11 2CP B . -12.44 -5.43 14.73
O12 2CP B . -11.70 -5.88 17.12
O6 2CP B . -10.16 -6.52 15.24
P2 2CP B . -10.35 -7.81 14.37
O21 2CP B . -11.61 -8.56 14.81
O22 2CP B . -9.14 -8.74 14.52
O7 2CP B . -10.48 -7.41 12.86
CPB 2CP B . -9.26 -6.72 12.54
CPA 2CP B . -9.36 -5.99 11.21
CP7 2CP B . -10.50 -4.98 11.42
CP9 2CP B . -9.70 -7.03 10.15
CP8 2CP B . -8.04 -5.28 10.82
OP3 2CP B . -10.14 -3.98 12.41
CP6 2CP B . -10.96 -4.25 10.19
OP2 2CP B . -11.50 -4.92 9.32
NP2 2CP B . -10.57 -2.87 10.07
CP5 2CP B . -11.09 -2.27 8.90
CP4 2CP B . -10.12 -2.43 7.74
CP3 2CP B . -10.44 -1.41 6.63
OP1 2CP B . -11.24 -1.61 5.72
NP1 2CP B . -9.65 -0.28 6.78
CP2 2CP B . -9.83 0.68 5.81
CP1 2CP B . -9.99 2.07 6.33
P3 2CP B . -11.30 -0.66 19.61
O31 2CP B . -10.46 -0.20 20.80
O32 2CP B . -12.54 0.22 19.49
O33 2CP B . -11.71 -2.15 19.76
S 2CP B . -10.25 3.49 5.55
CS1 2CP B . -10.70 2.77 4.00
CS2 2CP B . -9.61 2.48 3.02
CS3 2CP B . -10.13 2.66 1.62
CS4 2CP B . -8.30 3.16 3.06
OS4 2CP B . -7.36 2.58 3.51
OS5 2CP B . -8.06 4.61 2.75
#